data_3KWI
#
_entry.id   3KWI
#
_cell.length_a   47.991
_cell.length_b   60.236
_cell.length_c   132.655
_cell.angle_alpha   90.00
_cell.angle_beta   90.00
_cell.angle_gamma   90.00
#
_symmetry.space_group_name_H-M   'P 21 21 21'
#
loop_
_entity.id
_entity.type
_entity.pdbx_description
1 polymer 'Non-structural protein 1'
2 water water
#
_entity_poly.entity_id   1
_entity_poly.type   'polypeptide(L)'
_entity_poly.pdbx_seq_one_letter_code
;MAHHHHHHVDDDDKMTMASTPASRYITDMTIEELSRDWFMLMPKQKVEGPLCIRIDQAIMDKNIMLKANFSVIFDRLETL
ILLRAFTEEGAIVGEISPLPSFPGHTIEDVKNAIGVLIGGLEYNDNTVRVSKTLQRFAWGS
;
_entity_poly.pdbx_strand_id   A,B
#
# COMPACT_ATOMS: atom_id res chain seq x y z
N THR A 20 -9.35 -11.36 -29.31
CA THR A 20 -9.02 -12.45 -28.35
C THR A 20 -10.14 -13.50 -28.29
N PRO A 21 -9.84 -14.73 -28.70
CA PRO A 21 -10.80 -15.83 -28.57
C PRO A 21 -11.22 -16.01 -27.11
N ALA A 22 -12.51 -16.28 -26.88
CA ALA A 22 -12.99 -16.57 -25.55
C ALA A 22 -11.99 -17.51 -24.88
N SER A 23 -11.15 -18.12 -25.71
CA SER A 23 -10.08 -18.99 -25.23
C SER A 23 -9.06 -18.22 -24.40
N ARG A 24 -8.82 -16.96 -24.79
CA ARG A 24 -7.83 -16.13 -24.12
C ARG A 24 -8.50 -14.93 -23.43
N TYR A 25 -9.66 -15.19 -22.86
CA TYR A 25 -10.38 -14.23 -22.07
C TYR A 25 -10.53 -14.84 -20.67
N ILE A 26 -9.98 -14.17 -19.67
CA ILE A 26 -10.09 -14.62 -18.28
C ILE A 26 -11.24 -13.91 -17.60
N THR A 27 -12.09 -14.67 -16.92
CA THR A 27 -13.25 -14.12 -16.22
C THR A 27 -13.33 -14.56 -14.75
N ASP A 28 -12.59 -13.90 -13.86
CA ASP A 28 -12.67 -14.20 -12.43
C ASP A 28 -14.05 -13.90 -11.91
N MET A 29 -14.70 -12.89 -12.46
CA MET A 29 -16.00 -12.45 -11.94
C MET A 29 -17.14 -12.88 -12.84
N THR A 30 -18.27 -13.22 -12.23
CA THR A 30 -19.52 -13.45 -12.96
C THR A 30 -20.05 -12.17 -13.61
N ILE A 31 -21.10 -12.30 -14.40
CA ILE A 31 -21.74 -11.13 -15.00
C ILE A 31 -22.36 -10.27 -13.90
N GLU A 32 -22.95 -10.93 -12.91
CA GLU A 32 -23.56 -10.27 -11.76
C GLU A 32 -22.51 -9.45 -11.01
N GLU A 33 -21.35 -10.05 -10.74
CA GLU A 33 -20.30 -9.36 -10.00
C GLU A 33 -19.76 -8.15 -10.76
N LEU A 34 -19.61 -8.32 -12.07
CA LEU A 34 -19.08 -7.26 -12.93
C LEU A 34 -19.95 -6.04 -12.90
N SER A 35 -21.26 -6.26 -12.91
CA SER A 35 -22.20 -5.16 -13.06
C SER A 35 -22.85 -4.73 -11.74
N ARG A 36 -22.53 -5.40 -10.65
CA ARG A 36 -23.14 -5.06 -9.37
C ARG A 36 -22.88 -3.59 -9.01
N ASP A 37 -23.92 -2.94 -8.52
CA ASP A 37 -23.82 -1.57 -8.06
C ASP A 37 -23.20 -1.60 -6.67
N TRP A 38 -22.23 -0.75 -6.41
CA TRP A 38 -21.64 -0.66 -5.07
C TRP A 38 -21.33 0.79 -4.73
N PHE A 39 -21.44 1.12 -3.44
CA PHE A 39 -21.27 2.50 -3.01
C PHE A 39 -20.17 2.55 -1.96
N MET A 40 -19.23 3.47 -2.11
CA MET A 40 -18.23 3.67 -1.08
C MET A 40 -18.79 4.55 0.06
N LEU A 41 -18.68 4.05 1.28
CA LEU A 41 -19.07 4.83 2.45
C LEU A 41 -18.10 5.99 2.65
N MET A 42 -16.84 5.76 2.34
CA MET A 42 -15.82 6.78 2.50
C MET A 42 -15.01 6.79 1.22
N PRO A 43 -15.59 7.32 0.15
CA PRO A 43 -14.99 7.22 -1.17
C PRO A 43 -13.62 7.85 -1.26
N LYS A 44 -12.73 7.22 -2.04
CA LYS A 44 -11.52 7.84 -2.49
C LYS A 44 -11.19 7.26 -3.86
N GLN A 45 -10.92 8.12 -4.84
CA GLN A 45 -10.45 7.63 -6.12
C GLN A 45 -9.25 8.35 -6.65
N LYS A 46 -8.63 7.74 -7.65
CA LYS A 46 -7.38 8.21 -8.17
C LYS A 46 -7.29 7.81 -9.63
N VAL A 47 -6.84 8.73 -10.47
CA VAL A 47 -6.54 8.41 -11.84
C VAL A 47 -5.09 7.98 -11.86
N GLU A 48 -4.84 6.76 -12.32
CA GLU A 48 -3.49 6.26 -12.48
C GLU A 48 -3.28 5.99 -13.97
N GLY A 49 -2.71 6.97 -14.66
CA GLY A 49 -2.59 6.90 -16.12
C GLY A 49 -3.94 6.71 -16.78
N PRO A 50 -4.08 5.66 -17.58
CA PRO A 50 -5.33 5.36 -18.29
C PRO A 50 -6.36 4.61 -17.46
N LEU A 51 -6.08 4.45 -16.17
CA LEU A 51 -6.94 3.69 -15.28
C LEU A 51 -7.42 4.51 -14.09
N CYS A 52 -8.59 4.13 -13.59
CA CYS A 52 -9.17 4.74 -12.40
C CYS A 52 -9.22 3.73 -11.26
N ILE A 53 -8.71 4.14 -10.09
CA ILE A 53 -8.67 3.29 -8.91
C ILE A 53 -9.59 3.84 -7.81
N ARG A 54 -10.53 3.00 -7.37
CA ARG A 54 -11.47 3.39 -6.33
C ARG A 54 -11.35 2.48 -5.11
N ILE A 55 -11.38 3.09 -3.93
CA ILE A 55 -11.25 2.36 -2.67
C ILE A 55 -12.22 2.94 -1.63
N ASP A 56 -12.99 2.08 -0.99
CA ASP A 56 -13.79 2.52 0.13
C ASP A 56 -12.94 2.55 1.39
N GLN A 57 -12.58 3.74 1.84
CA GLN A 57 -11.74 3.88 3.03
C GLN A 57 -12.37 3.42 4.34
N ALA A 58 -13.68 3.21 4.35
CA ALA A 58 -14.33 2.73 5.57
C ALA A 58 -13.96 1.27 5.84
N ILE A 59 -13.44 0.58 4.83
CA ILE A 59 -13.11 -0.83 4.99
C ILE A 59 -11.79 -1.04 5.71
N MET A 60 -11.81 -1.70 6.86
CA MET A 60 -10.60 -1.85 7.66
C MET A 60 -10.47 -3.25 8.26
N ASP A 61 -9.23 -3.70 8.40
CA ASP A 61 -8.91 -4.94 9.10
C ASP A 61 -9.52 -6.18 8.47
N LYS A 62 -9.62 -6.21 7.15
CA LYS A 62 -10.23 -7.35 6.48
C LYS A 62 -9.25 -8.05 5.52
N ASN A 63 -9.53 -9.31 5.22
CA ASN A 63 -8.82 -10.03 4.16
C ASN A 63 -9.55 -9.74 2.85
N ILE A 64 -8.79 -9.32 1.84
CA ILE A 64 -9.36 -8.88 0.56
C ILE A 64 -8.79 -9.71 -0.58
N MET A 65 -9.61 -10.04 -1.56
CA MET A 65 -9.15 -10.78 -2.73
C MET A 65 -9.41 -9.95 -3.97
N LEU A 66 -8.36 -9.68 -4.73
CA LEU A 66 -8.51 -9.00 -6.01
C LEU A 66 -8.86 -9.99 -7.13
N LYS A 67 -9.93 -9.69 -7.84
CA LYS A 67 -10.38 -10.51 -8.97
C LYS A 67 -10.52 -9.65 -10.21
N ALA A 68 -10.15 -10.20 -11.37
CA ALA A 68 -10.25 -9.47 -12.63
C ALA A 68 -10.78 -10.29 -13.82
N ASN A 69 -11.34 -9.56 -14.78
CA ASN A 69 -11.64 -10.06 -16.10
C ASN A 69 -10.75 -9.31 -17.07
N PHE A 70 -9.99 -10.05 -17.87
CA PHE A 70 -9.03 -9.45 -18.77
C PHE A 70 -8.75 -10.36 -19.95
N SER A 71 -8.18 -9.82 -20.99
CA SER A 71 -7.73 -10.66 -22.07
C SER A 71 -6.27 -10.96 -21.81
N VAL A 72 -5.80 -12.05 -22.40
CA VAL A 72 -4.43 -12.47 -22.28
C VAL A 72 -3.88 -12.81 -23.65
N ILE A 73 -2.59 -12.56 -23.86
CA ILE A 73 -1.93 -13.01 -25.07
C ILE A 73 -0.45 -13.20 -24.76
N PHE A 74 0.16 -14.20 -25.39
CA PHE A 74 1.57 -14.51 -25.19
C PHE A 74 1.87 -14.72 -23.72
N ASP A 75 0.91 -15.32 -23.02
CA ASP A 75 1.10 -15.77 -21.64
C ASP A 75 1.04 -14.67 -20.59
N ARG A 76 0.59 -13.48 -21.00
CA ARG A 76 0.47 -12.34 -20.09
C ARG A 76 -0.84 -11.59 -20.31
N LEU A 77 -1.31 -10.94 -19.24
CA LEU A 77 -2.44 -10.04 -19.37
C LEU A 77 -2.19 -9.03 -20.50
N GLU A 78 -3.20 -8.85 -21.32
CA GLU A 78 -3.13 -7.93 -22.44
C GLU A 78 -3.99 -6.71 -22.17
N THR A 79 -5.27 -6.91 -21.91
CA THR A 79 -6.18 -5.81 -21.71
C THR A 79 -7.14 -6.07 -20.54
N LEU A 80 -7.17 -5.13 -19.61
CA LEU A 80 -8.06 -5.25 -18.45
C LEU A 80 -9.45 -4.75 -18.78
N ILE A 81 -10.45 -5.56 -18.44
CA ILE A 81 -11.83 -5.14 -18.55
C ILE A 81 -12.25 -4.50 -17.23
N LEU A 82 -12.07 -5.22 -16.13
CA LEU A 82 -12.42 -4.70 -14.81
C LEU A 82 -11.75 -5.53 -13.74
N LEU A 83 -11.36 -4.86 -12.66
CA LEU A 83 -10.86 -5.55 -11.48
C LEU A 83 -11.61 -5.02 -10.26
N ARG A 84 -12.02 -5.94 -9.38
CA ARG A 84 -12.71 -5.56 -8.18
C ARG A 84 -12.14 -6.32 -6.99
N ALA A 85 -12.19 -5.67 -5.83
CA ALA A 85 -11.68 -6.23 -4.60
C ALA A 85 -12.86 -6.67 -3.76
N PHE A 86 -12.80 -7.93 -3.29
CA PHE A 86 -13.88 -8.54 -2.56
C PHE A 86 -13.48 -8.88 -1.12
N THR A 87 -14.42 -8.70 -0.20
CA THR A 87 -14.23 -9.16 1.16
C THR A 87 -14.59 -10.63 1.23
N GLU A 88 -14.21 -11.27 2.34
CA GLU A 88 -14.48 -12.67 2.53
C GLU A 88 -15.96 -12.97 2.40
N GLU A 89 -16.79 -12.00 2.79
CA GLU A 89 -18.23 -12.14 2.71
C GLU A 89 -18.71 -11.83 1.29
N GLY A 90 -17.82 -11.38 0.43
CA GLY A 90 -18.14 -11.18 -0.99
C GLY A 90 -18.62 -9.79 -1.39
N ALA A 91 -18.43 -8.81 -0.53
CA ALA A 91 -18.77 -7.43 -0.86
C ALA A 91 -17.63 -6.77 -1.62
N ILE A 92 -17.99 -5.90 -2.54
CA ILE A 92 -17.04 -5.15 -3.32
C ILE A 92 -16.63 -3.91 -2.56
N VAL A 93 -15.32 -3.67 -2.43
CA VAL A 93 -14.80 -2.56 -1.64
C VAL A 93 -13.72 -1.77 -2.40
N GLY A 94 -13.46 -2.14 -3.65
CA GLY A 94 -12.42 -1.51 -4.45
C GLY A 94 -12.53 -1.90 -5.91
N GLU A 95 -11.86 -1.16 -6.78
CA GLU A 95 -12.02 -1.33 -8.20
C GLU A 95 -10.93 -0.62 -8.98
N ILE A 96 -10.47 -1.29 -10.03
CA ILE A 96 -9.65 -0.66 -11.05
C ILE A 96 -10.40 -0.79 -12.37
N SER A 97 -10.65 0.34 -13.03
CA SER A 97 -11.38 0.32 -14.29
C SER A 97 -10.71 1.23 -15.31
N PRO A 98 -10.88 0.89 -16.59
CA PRO A 98 -10.31 1.70 -17.65
C PRO A 98 -11.08 3.00 -17.81
N LEU A 99 -10.38 4.09 -18.13
CA LEU A 99 -11.06 5.33 -18.42
C LEU A 99 -11.53 5.31 -19.87
N PRO A 100 -12.76 5.69 -20.11
CA PRO A 100 -13.25 5.62 -21.46
C PRO A 100 -12.44 6.53 -22.34
N SER A 101 -12.10 7.70 -21.86
CA SER A 101 -11.37 8.59 -22.70
C SER A 101 -9.99 8.13 -23.09
N PHE A 102 -9.19 7.68 -22.13
CA PHE A 102 -7.83 7.33 -22.48
C PHE A 102 -8.03 6.11 -23.29
N PRO A 103 -7.38 6.03 -24.44
CA PRO A 103 -7.73 4.96 -25.36
C PRO A 103 -7.49 3.57 -24.86
N GLY A 104 -6.33 3.37 -24.28
CA GLY A 104 -5.70 2.08 -24.18
C GLY A 104 -4.75 2.05 -23.03
N HIS A 105 -4.35 0.86 -22.61
CA HIS A 105 -3.40 0.70 -21.53
C HIS A 105 -2.53 -0.54 -21.73
N THR A 106 -1.42 -0.61 -21.03
CA THR A 106 -0.54 -1.75 -21.07
C THR A 106 -0.63 -2.52 -19.76
N ILE A 107 0.00 -3.68 -19.73
CA ILE A 107 0.05 -4.50 -18.53
C ILE A 107 0.79 -3.74 -17.44
N GLU A 108 1.73 -2.90 -17.84
CA GLU A 108 2.48 -2.08 -16.90
C GLU A 108 1.56 -1.07 -16.20
N ASP A 109 0.61 -0.51 -16.95
CA ASP A 109 -0.40 0.37 -16.37
C ASP A 109 -1.22 -0.39 -15.33
N VAL A 110 -1.65 -1.59 -15.69
CA VAL A 110 -2.47 -2.41 -14.80
C VAL A 110 -1.73 -2.79 -13.52
N LYS A 111 -0.46 -3.16 -13.66
CA LYS A 111 0.35 -3.51 -12.50
C LYS A 111 0.63 -2.29 -11.62
N ASN A 112 0.90 -1.14 -12.23
CA ASN A 112 0.99 0.10 -11.47
C ASN A 112 -0.26 0.26 -10.63
N ALA A 113 -1.42 0.16 -11.26
CA ALA A 113 -2.68 0.38 -10.57
C ALA A 113 -2.91 -0.66 -9.46
N ILE A 114 -2.48 -1.91 -9.69
CA ILE A 114 -2.65 -2.94 -8.67
C ILE A 114 -1.78 -2.67 -7.43
N GLY A 115 -0.57 -2.19 -7.61
CA GLY A 115 0.30 -1.90 -6.45
C GLY A 115 -0.31 -0.78 -5.62
N VAL A 116 -0.90 0.18 -6.31
CA VAL A 116 -1.53 1.34 -5.68
C VAL A 116 -2.76 0.91 -4.89
N LEU A 117 -3.60 0.09 -5.50
CA LEU A 117 -4.81 -0.38 -4.85
C LEU A 117 -4.45 -1.20 -3.61
N ILE A 118 -3.41 -2.01 -3.73
CA ILE A 118 -2.97 -2.85 -2.62
C ILE A 118 -2.44 -2.00 -1.48
N GLY A 119 -1.62 -1.01 -1.83
CA GLY A 119 -1.08 -0.08 -0.85
C GLY A 119 -2.18 0.65 -0.10
N GLY A 120 -3.11 1.22 -0.84
CA GLY A 120 -4.23 1.97 -0.25
C GLY A 120 -5.06 1.12 0.70
N LEU A 121 -5.25 -0.16 0.35
CA LEU A 121 -6.02 -1.06 1.22
C LEU A 121 -5.23 -1.45 2.46
N GLU A 122 -3.93 -1.66 2.30
CA GLU A 122 -3.05 -1.93 3.43
C GLU A 122 -2.95 -0.71 4.37
N TYR A 123 -3.05 0.50 3.83
CA TYR A 123 -3.05 1.69 4.68
C TYR A 123 -4.17 1.57 5.72
N ASN A 124 -5.26 0.90 5.34
CA ASN A 124 -6.42 0.74 6.20
C ASN A 124 -6.42 -0.60 6.93
N ASP A 125 -5.24 -1.17 7.13
CA ASP A 125 -5.08 -2.41 7.90
C ASP A 125 -5.70 -3.67 7.23
N ASN A 126 -5.89 -3.65 5.92
CA ASN A 126 -6.41 -4.83 5.26
C ASN A 126 -5.29 -5.73 4.77
N THR A 127 -5.58 -7.02 4.65
CA THR A 127 -4.61 -7.95 4.06
C THR A 127 -5.09 -8.30 2.65
N VAL A 128 -4.25 -8.12 1.65
CA VAL A 128 -4.72 -8.24 0.27
C VAL A 128 -4.06 -9.38 -0.48
N ARG A 129 -4.88 -10.20 -1.13
CA ARG A 129 -4.40 -11.26 -2.00
C ARG A 129 -4.95 -11.05 -3.41
N VAL A 130 -4.27 -11.62 -4.41
CA VAL A 130 -4.77 -11.57 -5.79
C VAL A 130 -5.15 -12.97 -6.25
N SER A 131 -6.08 -13.03 -7.20
CA SER A 131 -6.57 -14.28 -7.73
C SER A 131 -5.45 -15.08 -8.40
N LYS A 132 -5.66 -16.38 -8.50
CA LYS A 132 -4.71 -17.26 -9.16
C LYS A 132 -4.37 -16.72 -10.56
N THR A 133 -5.37 -16.29 -11.30
CA THR A 133 -5.15 -15.85 -12.68
C THR A 133 -4.36 -14.56 -12.74
N LEU A 134 -4.70 -13.62 -11.85
CA LEU A 134 -3.93 -12.39 -11.71
C LEU A 134 -2.49 -12.74 -11.37
N GLN A 135 -2.31 -13.65 -10.43
CA GLN A 135 -0.94 -14.03 -10.05
C GLN A 135 -0.19 -14.59 -11.27
N ARG A 136 -0.83 -15.48 -11.98
CA ARG A 136 -0.24 -16.14 -13.14
C ARG A 136 0.07 -15.18 -14.30
N PHE A 137 -0.84 -14.24 -14.57
CA PHE A 137 -0.76 -13.43 -15.80
C PHE A 137 -0.29 -11.96 -15.66
N ALA A 138 -0.12 -11.48 -14.43
CA ALA A 138 0.21 -10.06 -14.26
C ALA A 138 0.99 -9.78 -12.99
N TRP A 139 0.47 -10.24 -11.86
CA TRP A 139 0.99 -9.85 -10.56
C TRP A 139 1.72 -11.00 -9.91
N GLY A 140 3.02 -10.88 -9.76
CA GLY A 140 3.80 -11.99 -9.27
C GLY A 140 5.05 -12.09 -10.12
N SER A 141 6.21 -12.06 -9.47
CA SER A 141 7.48 -12.08 -10.18
C SER A 141 7.71 -13.43 -10.83
N SER B 23 22.19 -6.49 23.80
CA SER B 23 22.35 -5.01 23.96
C SER B 23 20.95 -4.41 24.05
N ARG B 24 20.55 -3.60 23.06
CA ARG B 24 21.42 -2.97 22.05
C ARG B 24 20.65 -1.83 21.40
N TYR B 25 21.31 -0.71 21.13
CA TYR B 25 20.61 0.46 20.59
C TYR B 25 20.98 0.79 19.15
N ILE B 26 20.00 0.70 18.26
CA ILE B 26 20.22 0.89 16.83
C ILE B 26 19.80 2.27 16.37
N THR B 27 20.67 2.89 15.57
CA THR B 27 20.41 4.23 15.09
C THR B 27 20.67 4.33 13.60
N ASP B 28 19.66 4.01 12.77
CA ASP B 28 19.80 4.12 11.32
C ASP B 28 20.02 5.58 10.93
N MET B 29 19.49 6.49 11.73
CA MET B 29 19.54 7.92 11.41
C MET B 29 20.71 8.62 12.08
N THR B 30 21.29 9.61 11.40
CA THR B 30 22.27 10.46 12.02
C THR B 30 21.55 11.30 13.07
N ILE B 31 22.32 11.93 13.94
CA ILE B 31 21.73 12.82 14.95
C ILE B 31 21.00 13.96 14.28
N GLU B 32 21.52 14.43 13.15
CA GLU B 32 20.90 15.54 12.44
C GLU B 32 19.54 15.13 11.84
N GLU B 33 19.51 13.94 11.22
CA GLU B 33 18.28 13.39 10.66
C GLU B 33 17.24 13.17 11.76
N LEU B 34 17.67 12.62 12.89
CA LEU B 34 16.80 12.38 14.03
C LEU B 34 16.13 13.69 14.46
N SER B 35 16.91 14.76 14.50
CA SER B 35 16.47 16.01 15.13
C SER B 35 15.92 17.02 14.14
N ARG B 36 16.20 16.83 12.85
CA ARG B 36 15.73 17.78 11.84
C ARG B 36 14.21 17.99 11.94
N ASP B 37 13.80 19.23 11.73
CA ASP B 37 12.38 19.53 11.60
C ASP B 37 11.96 19.20 10.18
N TRP B 38 10.70 18.82 10.02
CA TRP B 38 10.11 18.60 8.70
C TRP B 38 8.63 18.90 8.79
N PHE B 39 8.06 19.31 7.67
CA PHE B 39 6.65 19.66 7.62
C PHE B 39 6.05 19.01 6.39
N MET B 40 4.78 18.66 6.47
CA MET B 40 4.07 18.04 5.36
C MET B 40 3.35 19.09 4.52
N LEU B 41 3.69 19.15 3.24
CA LEU B 41 3.01 20.04 2.33
C LEU B 41 1.52 19.67 2.26
N MET B 42 1.23 18.38 2.38
CA MET B 42 -0.13 17.88 2.27
C MET B 42 -0.34 16.84 3.36
N PRO B 43 -0.61 17.31 4.59
CA PRO B 43 -0.55 16.33 5.68
C PRO B 43 -1.58 15.21 5.60
N LYS B 44 -1.11 13.99 5.83
CA LYS B 44 -2.00 12.84 6.03
C LYS B 44 -1.49 12.03 7.20
N GLN B 45 -2.32 11.89 8.22
CA GLN B 45 -1.85 11.35 9.49
C GLN B 45 -2.84 10.35 10.01
N LYS B 46 -2.34 9.32 10.66
CA LYS B 46 -3.20 8.26 11.15
C LYS B 46 -2.72 7.81 12.51
N VAL B 47 -3.66 7.45 13.36
CA VAL B 47 -3.33 6.85 14.61
C VAL B 47 -3.48 5.35 14.48
N GLU B 48 -2.36 4.64 14.66
CA GLU B 48 -2.35 3.19 14.64
C GLU B 48 -1.97 2.66 16.02
N GLY B 49 -2.94 2.29 16.83
CA GLY B 49 -2.68 1.94 18.21
C GLY B 49 -1.99 3.08 18.94
N PRO B 50 -0.86 2.80 19.60
CA PRO B 50 -0.14 3.83 20.34
C PRO B 50 0.89 4.56 19.49
N LEU B 51 0.76 4.44 18.17
CA LEU B 51 1.70 5.05 17.25
C LEU B 51 1.00 5.95 16.28
N CYS B 52 1.71 6.96 15.81
CA CYS B 52 1.15 7.92 14.89
C CYS B 52 1.93 7.82 13.59
N ILE B 53 1.22 7.79 12.48
CA ILE B 53 1.86 7.63 11.18
C ILE B 53 1.58 8.85 10.33
N ARG B 54 2.64 9.52 9.90
CA ARG B 54 2.52 10.74 9.12
C ARG B 54 3.09 10.57 7.72
N ILE B 55 2.35 11.07 6.74
CA ILE B 55 2.78 11.02 5.35
C ILE B 55 2.48 12.35 4.69
N ASP B 56 3.43 12.85 3.89
CA ASP B 56 3.16 14.00 3.05
C ASP B 56 2.56 13.54 1.72
N GLN B 57 1.26 13.73 1.55
CA GLN B 57 0.54 13.28 0.35
C GLN B 57 1.04 13.89 -0.95
N ALA B 58 1.91 14.88 -0.86
CA ALA B 58 2.36 15.59 -2.05
C ALA B 58 3.48 14.84 -2.71
N ILE B 59 4.07 13.89 -2.01
CA ILE B 59 5.23 13.18 -2.50
C ILE B 59 4.86 11.91 -3.29
N MET B 60 5.40 11.79 -4.50
CA MET B 60 5.07 10.65 -5.34
C MET B 60 6.19 10.34 -6.32
N ASP B 61 6.19 9.10 -6.81
CA ASP B 61 7.17 8.63 -7.77
C ASP B 61 8.61 8.72 -7.26
N LYS B 62 8.83 8.48 -5.97
CA LYS B 62 10.18 8.48 -5.41
C LYS B 62 10.57 7.09 -4.90
N ASN B 63 11.88 6.86 -4.80
CA ASN B 63 12.40 5.72 -4.07
C ASN B 63 12.63 6.12 -2.62
N ILE B 64 12.06 5.36 -1.70
CA ILE B 64 12.07 5.73 -0.30
C ILE B 64 12.67 4.64 0.56
N MET B 65 13.47 5.05 1.54
CA MET B 65 14.04 4.13 2.51
C MET B 65 13.50 4.48 3.90
N LEU B 66 12.93 3.49 4.59
CA LEU B 66 12.53 3.67 5.98
C LEU B 66 13.74 3.44 6.86
N LYS B 67 14.05 4.41 7.72
CA LYS B 67 15.16 4.28 8.65
C LYS B 67 14.63 4.49 10.05
N ALA B 68 15.12 3.72 11.01
CA ALA B 68 14.65 3.87 12.36
C ALA B 68 15.76 3.88 13.40
N ASN B 69 15.45 4.49 14.55
CA ASN B 69 16.26 4.40 15.75
C ASN B 69 15.44 3.63 16.78
N PHE B 70 16.00 2.56 17.33
CA PHE B 70 15.23 1.70 18.20
C PHE B 70 16.12 0.84 19.07
N SER B 71 15.52 0.29 20.11
CA SER B 71 16.25 -0.56 21.02
C SER B 71 15.94 -2.02 20.71
N VAL B 72 16.97 -2.86 20.74
CA VAL B 72 16.77 -4.29 20.63
C VAL B 72 17.25 -4.97 21.89
N ILE B 73 16.56 -6.04 22.25
CA ILE B 73 16.98 -6.88 23.36
C ILE B 73 16.67 -8.34 22.98
N PHE B 74 17.66 -9.22 23.19
CA PHE B 74 17.52 -10.61 22.79
C PHE B 74 17.12 -10.69 21.32
N ASP B 75 17.80 -9.90 20.50
CA ASP B 75 17.69 -9.96 19.06
C ASP B 75 16.32 -9.60 18.48
N ARG B 76 15.51 -8.86 19.23
CA ARG B 76 14.28 -8.32 18.68
C ARG B 76 14.09 -6.86 19.07
N LEU B 77 13.56 -6.09 18.14
CA LEU B 77 13.17 -4.73 18.43
C LEU B 77 12.22 -4.81 19.61
N GLU B 78 12.42 -3.94 20.59
CA GLU B 78 11.48 -3.82 21.69
C GLU B 78 10.83 -2.45 21.70
N THR B 79 11.63 -1.41 21.48
CA THR B 79 11.11 -0.05 21.56
C THR B 79 11.57 0.83 20.42
N LEU B 80 10.61 1.40 19.71
CA LEU B 80 10.90 2.33 18.63
C LEU B 80 11.05 3.71 19.21
N ILE B 81 12.16 4.37 18.89
CA ILE B 81 12.32 5.78 19.24
C ILE B 81 11.69 6.63 18.14
N LEU B 82 12.19 6.50 16.92
CA LEU B 82 11.61 7.20 15.78
C LEU B 82 11.91 6.45 14.50
N LEU B 83 10.97 6.50 13.56
CA LEU B 83 11.19 6.00 12.22
C LEU B 83 10.81 7.08 11.24
N ARG B 84 11.69 7.36 10.28
CA ARG B 84 11.38 8.31 9.25
C ARG B 84 11.66 7.74 7.88
N ALA B 85 10.97 8.28 6.88
CA ALA B 85 11.07 7.86 5.48
C ALA B 85 11.79 8.92 4.68
N PHE B 86 12.85 8.50 4.02
CA PHE B 86 13.75 9.39 3.33
C PHE B 86 13.75 9.10 1.83
N THR B 87 13.60 10.14 1.02
CA THR B 87 13.81 10.03 -0.41
C THR B 87 15.29 9.85 -0.64
N GLU B 88 15.68 9.64 -1.88
CA GLU B 88 17.09 9.40 -2.22
C GLU B 88 17.98 10.62 -1.94
N GLU B 89 17.40 11.81 -2.03
CA GLU B 89 18.13 13.03 -1.73
C GLU B 89 18.17 13.32 -0.23
N GLY B 90 17.49 12.49 0.56
CA GLY B 90 17.59 12.59 2.01
C GLY B 90 16.52 13.45 2.65
N ALA B 91 15.49 13.80 1.89
CA ALA B 91 14.36 14.54 2.45
C ALA B 91 13.44 13.58 3.21
N ILE B 92 12.89 14.06 4.32
CA ILE B 92 11.96 13.29 5.11
C ILE B 92 10.58 13.45 4.48
N VAL B 93 9.88 12.34 4.27
CA VAL B 93 8.56 12.39 3.66
C VAL B 93 7.52 11.60 4.48
N GLY B 94 7.98 10.92 5.52
CA GLY B 94 7.09 10.17 6.37
C GLY B 94 7.75 9.82 7.70
N GLU B 95 6.93 9.42 8.66
CA GLU B 95 7.43 9.19 10.00
C GLU B 95 6.46 8.37 10.84
N ILE B 96 7.01 7.54 11.69
CA ILE B 96 6.21 6.88 12.70
C ILE B 96 6.80 7.24 14.07
N SER B 97 5.95 7.68 14.99
CA SER B 97 6.39 8.06 16.32
C SER B 97 5.38 7.65 17.38
N PRO B 98 5.89 7.39 18.60
CA PRO B 98 5.04 7.01 19.71
C PRO B 98 4.11 8.16 20.07
N LEU B 99 2.88 7.83 20.45
CA LEU B 99 1.96 8.86 20.91
C LEU B 99 2.18 9.10 22.40
N PRO B 100 2.46 10.35 22.75
CA PRO B 100 2.75 10.77 24.14
C PRO B 100 1.77 10.22 25.18
N SER B 101 0.50 10.10 24.83
CA SER B 101 -0.48 9.72 25.83
C SER B 101 -0.57 8.21 26.01
N PHE B 102 0.24 7.44 25.31
CA PHE B 102 0.19 5.98 25.50
C PHE B 102 1.35 5.46 26.37
N PRO B 103 1.09 4.40 27.15
CA PRO B 103 2.08 3.85 28.08
C PRO B 103 3.29 3.27 27.36
N GLY B 104 3.13 2.96 26.08
CA GLY B 104 4.17 2.35 25.29
C GLY B 104 3.60 1.52 24.17
N HIS B 105 4.45 0.68 23.57
CA HIS B 105 4.04 -0.08 22.42
C HIS B 105 4.83 -1.37 22.35
N THR B 106 4.42 -2.25 21.44
CA THR B 106 5.10 -3.52 21.21
C THR B 106 5.66 -3.61 19.80
N ILE B 107 6.36 -4.70 19.53
CA ILE B 107 6.96 -4.92 18.24
C ILE B 107 5.86 -5.11 17.19
N GLU B 108 4.74 -5.71 17.60
CA GLU B 108 3.59 -5.89 16.73
C GLU B 108 3.01 -4.53 16.32
N ASP B 109 2.89 -3.63 17.28
CA ASP B 109 2.46 -2.26 16.97
C ASP B 109 3.36 -1.68 15.89
N VAL B 110 4.67 -1.82 16.08
CA VAL B 110 5.62 -1.21 15.15
C VAL B 110 5.48 -1.78 13.73
N LYS B 111 5.32 -3.09 13.63
CA LYS B 111 5.16 -3.74 12.33
C LYS B 111 3.86 -3.32 11.69
N ASN B 112 2.79 -3.29 12.49
CA ASN B 112 1.51 -2.77 12.02
C ASN B 112 1.67 -1.39 11.40
N ALA B 113 2.35 -0.50 12.13
CA ALA B 113 2.54 0.85 11.64
C ALA B 113 3.42 0.84 10.40
N ILE B 114 4.42 -0.02 10.37
CA ILE B 114 5.30 -0.07 9.19
C ILE B 114 4.51 -0.52 7.96
N GLY B 115 3.63 -1.51 8.12
CA GLY B 115 2.79 -1.94 7.00
C GLY B 115 1.90 -0.81 6.46
N VAL B 116 1.33 -0.05 7.39
CA VAL B 116 0.44 1.03 7.03
C VAL B 116 1.21 2.12 6.29
N LEU B 117 2.40 2.44 6.80
CA LEU B 117 3.19 3.50 6.19
C LEU B 117 3.64 3.10 4.78
N ILE B 118 4.03 1.83 4.62
CA ILE B 118 4.44 1.34 3.31
C ILE B 118 3.24 1.44 2.35
N GLY B 119 2.08 1.02 2.80
CA GLY B 119 0.89 1.04 1.96
C GLY B 119 0.55 2.45 1.47
N GLY B 120 0.54 3.40 2.39
CA GLY B 120 0.21 4.77 2.06
C GLY B 120 1.16 5.34 1.07
N LEU B 121 2.45 5.07 1.25
CA LEU B 121 3.45 5.62 0.36
C LEU B 121 3.33 4.99 -1.04
N GLU B 122 3.00 3.70 -1.08
CA GLU B 122 2.83 2.99 -2.36
C GLU B 122 1.60 3.48 -3.11
N TYR B 123 0.56 3.87 -2.38
CA TYR B 123 -0.62 4.47 -2.98
C TYR B 123 -0.23 5.68 -3.84
N ASN B 124 0.86 6.34 -3.47
CA ASN B 124 1.34 7.53 -4.22
C ASN B 124 2.47 7.22 -5.18
N ASP B 125 2.49 5.99 -5.68
CA ASP B 125 3.49 5.56 -6.66
C ASP B 125 4.92 5.73 -6.17
N ASN B 126 5.12 5.57 -4.86
CA ASN B 126 6.48 5.52 -4.35
C ASN B 126 6.91 4.08 -4.21
N THR B 127 8.20 3.86 -4.38
CA THR B 127 8.79 2.55 -4.14
C THR B 127 9.50 2.59 -2.79
N VAL B 128 9.15 1.67 -1.90
CA VAL B 128 9.61 1.73 -0.52
C VAL B 128 10.46 0.56 -0.09
N ARG B 129 11.62 0.85 0.50
CA ARG B 129 12.47 -0.18 1.09
C ARG B 129 12.67 0.08 2.59
N VAL B 130 13.01 -0.97 3.33
CA VAL B 130 13.25 -0.85 4.75
C VAL B 130 14.70 -1.23 5.05
N SER B 131 15.33 -0.52 5.99
CA SER B 131 16.73 -0.72 6.31
C SER B 131 17.03 -2.17 6.70
N LYS B 132 18.31 -2.54 6.62
CA LYS B 132 18.75 -3.89 6.99
C LYS B 132 18.42 -4.18 8.44
N THR B 133 18.58 -3.16 9.30
CA THR B 133 18.33 -3.37 10.73
C THR B 133 16.85 -3.65 10.98
N LEU B 134 15.99 -2.81 10.42
CA LEU B 134 14.55 -3.04 10.57
C LEU B 134 14.21 -4.45 10.07
N GLN B 135 14.71 -4.79 8.88
CA GLN B 135 14.44 -6.12 8.32
C GLN B 135 14.85 -7.20 9.29
N ARG B 136 16.10 -7.11 9.74
CA ARG B 136 16.69 -8.10 10.64
C ARG B 136 15.98 -8.19 11.99
N PHE B 137 15.66 -7.04 12.59
CA PHE B 137 15.18 -7.05 13.98
C PHE B 137 13.68 -6.98 14.16
N ALA B 138 12.93 -6.74 13.09
CA ALA B 138 11.49 -6.56 13.21
C ALA B 138 10.66 -7.11 12.04
N TRP B 139 10.74 -6.42 10.90
CA TRP B 139 9.74 -6.48 9.82
C TRP B 139 9.32 -7.90 9.41
#